data_8GYN
#
_entry.id   8GYN
#
_cell.length_a   34.080
_cell.length_b   65.920
_cell.length_c   35.490
_cell.angle_alpha   90.000
_cell.angle_beta   106.550
_cell.angle_gamma   90.000
#
_symmetry.space_group_name_H-M   'P 1 21 1'
#
loop_
_entity.id
_entity.type
_entity.pdbx_description
1 polymer 'Tumor necrosis factor alpha-induced protein 8-like protein 1'
2 non-polymer '[(2~{R})-1-[2-azanylethoxy(oxidanyl)phosphoryl]oxy-3-hexadecanoyloxy-propan-2-yl] (~{Z})-octadec-9-enoate'
3 water water
#
_entity_poly.entity_id   1
_entity_poly.type   'polypeptide(L)'
_entity_poly.pdbx_seq_one_letter_code
;GPKLIDDTSSEVLDELYRVTKEYTRNRKEAQKIIKNLIKMVVKLGVLYRNGQFNNEELALVERFRKKVHTLAMTAVSFYQ
IDFTFDRRVMSNLLNDCRELLHQAINRHLTAKSHARINHVFNHFADCDFLATLYGPSEVYRGHLQKICEGVNKMLDEGNL
;
_entity_poly.pdbx_strand_id   A
#
loop_
_chem_comp.id
_chem_comp.type
_chem_comp.name
_chem_comp.formula
6OU non-polymer '[(2~{R})-1-[2-azanylethoxy(oxidanyl)phosphoryl]oxy-3-hexadecanoyloxy-propan-2-yl] (~{Z})-octadec-9-enoate' 'C39 H76 N O8 P'
#
# COMPACT_ATOMS: atom_id res chain seq x y z
N GLY A 1 -20.15 -0.06 15.33
CA GLY A 1 -20.07 -0.53 13.97
C GLY A 1 -19.17 -1.75 13.80
N PRO A 2 -19.01 -2.21 12.57
CA PRO A 2 -18.11 -3.35 12.33
C PRO A 2 -16.67 -2.92 12.18
N LYS A 3 -15.77 -3.83 12.55
CA LYS A 3 -14.35 -3.60 12.38
C LYS A 3 -14.00 -3.66 10.90
N LEU A 4 -13.41 -2.58 10.38
CA LEU A 4 -13.20 -2.46 8.95
C LEU A 4 -11.83 -2.94 8.47
N ILE A 5 -10.88 -3.14 9.38
CA ILE A 5 -9.54 -3.64 9.03
C ILE A 5 -9.28 -4.87 9.89
N ASP A 6 -9.06 -6.02 9.24
CA ASP A 6 -8.93 -7.25 10.01
C ASP A 6 -7.53 -7.39 10.59
N ASP A 7 -7.34 -8.46 11.37
CA ASP A 7 -6.10 -8.62 12.12
C ASP A 7 -4.90 -8.81 11.21
N THR A 8 -5.07 -9.57 10.13
CA THR A 8 -3.95 -9.79 9.21
C THR A 8 -3.51 -8.49 8.57
N SER A 9 -4.48 -7.69 8.11
CA SER A 9 -4.17 -6.38 7.56
C SER A 9 -3.50 -5.49 8.58
N SER A 10 -3.96 -5.53 9.83
CA SER A 10 -3.37 -4.72 10.89
CA SER A 10 -3.37 -4.70 10.87
C SER A 10 -1.92 -5.09 11.13
N GLU A 11 -1.61 -6.39 11.07
CA GLU A 11 -0.23 -6.83 11.25
C GLU A 11 0.64 -6.34 10.10
N VAL A 12 0.14 -6.43 8.87
CA VAL A 12 0.89 -5.89 7.73
C VAL A 12 1.15 -4.40 7.92
N LEU A 13 0.11 -3.66 8.32
CA LEU A 13 0.26 -2.22 8.52
C LEU A 13 1.27 -1.91 9.61
N ASP A 14 1.28 -2.71 10.68
CA ASP A 14 2.26 -2.49 11.73
C ASP A 14 3.67 -2.72 11.24
N GLU A 15 3.88 -3.75 10.43
CA GLU A 15 5.23 -3.99 9.91
C GLU A 15 5.64 -2.88 8.94
N LEU A 16 4.71 -2.38 8.13
CA LEU A 16 5.01 -1.23 7.27
C LEU A 16 5.38 -0.02 8.10
N TYR A 17 4.68 0.18 9.22
CA TYR A 17 5.06 1.24 10.15
C TYR A 17 6.47 1.04 10.66
N ARG A 18 6.82 -0.20 11.02
CA ARG A 18 8.14 -0.45 11.60
C ARG A 18 9.26 -0.21 10.60
N VAL A 19 9.08 -0.60 9.33
CA VAL A 19 10.11 -0.30 8.35
C VAL A 19 10.17 1.19 8.05
N THR A 20 9.03 1.89 8.08
CA THR A 20 9.04 3.32 7.84
C THR A 20 9.75 4.06 8.98
N LYS A 21 9.52 3.63 10.21
CA LYS A 21 10.18 4.22 11.37
C LYS A 21 11.66 3.92 11.38
N GLU A 22 12.06 2.71 10.97
CA GLU A 22 13.48 2.41 10.82
C GLU A 22 14.12 3.31 9.77
N TYR A 23 13.41 3.54 8.66
CA TYR A 23 13.98 4.29 7.55
C TYR A 23 14.11 5.78 7.88
N THR A 24 13.10 6.35 8.53
CA THR A 24 13.07 7.78 8.81
C THR A 24 13.58 8.16 10.20
N ARG A 25 13.60 7.21 11.14
CA ARG A 25 13.90 7.49 12.55
C ARG A 25 13.00 8.58 13.13
N ASN A 26 11.86 8.83 12.50
CA ASN A 26 10.91 9.82 12.98
C ASN A 26 9.61 9.09 13.28
N ARG A 27 9.40 8.76 14.56
CA ARG A 27 8.23 7.99 14.93
C ARG A 27 6.95 8.72 14.60
N LYS A 28 6.90 10.03 14.85
CA LYS A 28 5.69 10.79 14.56
C LYS A 28 5.37 10.78 13.07
N GLU A 29 6.38 10.98 12.23
CA GLU A 29 6.14 10.97 10.78
C GLU A 29 5.73 9.59 10.30
N ALA A 30 6.37 8.54 10.82
CA ALA A 30 6.00 7.18 10.42
C ALA A 30 4.57 6.85 10.84
N GLN A 31 4.19 7.25 12.05
CA GLN A 31 2.82 7.09 12.50
C GLN A 31 1.86 7.85 11.60
N LYS A 32 2.23 9.08 11.19
CA LYS A 32 1.37 9.87 10.33
C LYS A 32 1.17 9.21 8.96
N ILE A 33 2.27 8.70 8.38
CA ILE A 33 2.17 8.01 7.11
C ILE A 33 1.21 6.84 7.21
N ILE A 34 1.38 5.99 8.23
CA ILE A 34 0.55 4.80 8.34
CA ILE A 34 0.55 4.80 8.33
C ILE A 34 -0.91 5.17 8.64
N LYS A 35 -1.12 6.20 9.47
CA LYS A 35 -2.49 6.62 9.76
C LYS A 35 -3.17 7.19 8.52
N ASN A 36 -2.42 7.90 7.67
CA ASN A 36 -2.99 8.42 6.43
C ASN A 36 -3.33 7.28 5.47
N LEU A 37 -2.47 6.26 5.42
CA LEU A 37 -2.79 5.10 4.61
C LEU A 37 -4.07 4.44 5.09
N ILE A 38 -4.18 4.21 6.40
CA ILE A 38 -5.38 3.59 6.97
C ILE A 38 -6.61 4.44 6.67
N LYS A 39 -6.51 5.76 6.85
CA LYS A 39 -7.67 6.63 6.63
C LYS A 39 -8.16 6.55 5.20
N MET A 40 -7.23 6.51 4.24
CA MET A 40 -7.64 6.46 2.84
C MET A 40 -8.21 5.10 2.48
N VAL A 41 -7.63 4.01 3.00
CA VAL A 41 -8.19 2.68 2.77
C VAL A 41 -9.59 2.59 3.32
N VAL A 42 -9.82 3.15 4.51
CA VAL A 42 -11.14 3.09 5.12
C VAL A 42 -12.14 3.91 4.30
N LYS A 43 -11.76 5.13 3.90
CA LYS A 43 -12.67 5.96 3.11
C LYS A 43 -13.03 5.27 1.79
N LEU A 44 -12.01 4.74 1.10
CA LEU A 44 -12.26 4.04 -0.15
C LEU A 44 -13.19 2.85 0.07
N GLY A 45 -12.96 2.10 1.15
CA GLY A 45 -13.79 0.94 1.42
C GLY A 45 -15.23 1.30 1.71
N VAL A 46 -15.46 2.39 2.45
CA VAL A 46 -16.83 2.81 2.73
C VAL A 46 -17.55 3.19 1.45
N LEU A 47 -16.88 3.93 0.58
CA LEU A 47 -17.53 4.30 -0.68
C LEU A 47 -17.76 3.09 -1.57
N TYR A 48 -16.80 2.18 -1.60
CA TYR A 48 -16.90 1.01 -2.48
C TYR A 48 -17.97 0.04 -2.00
N ARG A 49 -17.88 -0.39 -0.73
CA ARG A 49 -18.77 -1.42 -0.22
CA ARG A 49 -18.77 -1.42 -0.21
C ARG A 49 -20.22 -0.97 -0.15
N ASN A 50 -20.46 0.34 -0.13
CA ASN A 50 -21.81 0.88 -0.08
C ASN A 50 -22.26 1.46 -1.41
N GLY A 51 -21.55 1.13 -2.48
CA GLY A 51 -22.02 1.45 -3.83
C GLY A 51 -22.17 2.93 -4.11
N GLN A 52 -21.21 3.73 -3.68
CA GLN A 52 -21.26 5.17 -3.82
C GLN A 52 -20.55 5.69 -5.07
N PHE A 53 -19.88 4.83 -5.82
CA PHE A 53 -19.16 5.26 -7.01
C PHE A 53 -20.05 5.18 -8.25
N ASN A 54 -19.91 6.16 -9.14
CA ASN A 54 -20.58 6.11 -10.43
C ASN A 54 -19.82 5.18 -11.37
N ASN A 55 -20.23 5.10 -12.64
CA ASN A 55 -19.65 4.11 -13.53
C ASN A 55 -18.18 4.39 -13.83
N GLU A 56 -17.83 5.64 -14.09
CA GLU A 56 -16.43 5.98 -14.36
C GLU A 56 -15.58 5.73 -13.13
N GLU A 57 -16.04 6.17 -11.97
CA GLU A 57 -15.31 5.92 -10.73
C GLU A 57 -15.16 4.42 -10.47
N LEU A 58 -16.20 3.64 -10.77
CA LEU A 58 -16.12 2.21 -10.55
C LEU A 58 -15.09 1.57 -11.47
N ALA A 59 -15.02 2.03 -12.72
CA ALA A 59 -13.95 1.54 -13.61
C ALA A 59 -12.58 1.85 -13.03
N LEU A 60 -12.42 3.07 -12.49
CA LEU A 60 -11.13 3.43 -11.89
C LEU A 60 -10.82 2.58 -10.67
N VAL A 61 -11.82 2.31 -9.82
CA VAL A 61 -11.59 1.52 -8.62
C VAL A 61 -11.27 0.08 -8.96
N GLU A 62 -11.95 -0.50 -9.95
CA GLU A 62 -11.60 -1.86 -10.34
C GLU A 62 -10.20 -1.93 -10.94
N ARG A 63 -9.80 -0.90 -11.71
CA ARG A 63 -8.42 -0.84 -12.18
CA ARG A 63 -8.42 -0.83 -12.18
C ARG A 63 -7.45 -0.74 -11.02
N PHE A 64 -7.78 0.06 -10.01
CA PHE A 64 -6.96 0.18 -8.81
C PHE A 64 -6.82 -1.18 -8.13
N ARG A 65 -7.92 -1.91 -8.00
CA ARG A 65 -7.84 -3.22 -7.36
C ARG A 65 -6.95 -4.17 -8.15
N LYS A 66 -7.02 -4.12 -9.48
CA LYS A 66 -6.14 -4.97 -10.29
C LYS A 66 -4.69 -4.58 -10.13
N LYS A 67 -4.40 -3.28 -10.10
CA LYS A 67 -3.03 -2.83 -9.90
C LYS A 67 -2.51 -3.23 -8.52
N VAL A 68 -3.36 -3.12 -7.50
CA VAL A 68 -2.95 -3.53 -6.16
C VAL A 68 -2.66 -5.02 -6.13
N HIS A 69 -3.50 -5.81 -6.80
CA HIS A 69 -3.26 -7.25 -6.87
C HIS A 69 -1.90 -7.54 -7.49
N THR A 70 -1.60 -6.89 -8.62
CA THR A 70 -0.30 -7.08 -9.27
C THR A 70 0.83 -6.64 -8.34
N LEU A 71 0.67 -5.51 -7.67
CA LEU A 71 1.67 -5.03 -6.73
C LEU A 71 1.93 -6.05 -5.64
N ALA A 72 0.86 -6.61 -5.07
CA ALA A 72 1.00 -7.57 -3.97
C ALA A 72 1.72 -8.83 -4.43
N MET A 73 1.30 -9.38 -5.57
CA MET A 73 1.94 -10.57 -6.13
CA MET A 73 1.95 -10.58 -6.09
C MET A 73 3.40 -10.31 -6.41
N THR A 74 3.70 -9.14 -6.99
CA THR A 74 5.07 -8.79 -7.35
C THR A 74 5.93 -8.62 -6.09
N ALA A 75 5.38 -7.95 -5.07
CA ALA A 75 6.14 -7.73 -3.84
C ALA A 75 6.52 -9.06 -3.21
N VAL A 76 5.58 -9.99 -3.15
CA VAL A 76 5.87 -11.29 -2.58
C VAL A 76 6.92 -12.03 -3.41
N SER A 77 6.75 -12.03 -4.74
CA SER A 77 7.69 -12.77 -5.59
C SER A 77 9.10 -12.18 -5.51
N PHE A 78 9.20 -10.84 -5.49
CA PHE A 78 10.49 -10.19 -5.35
C PHE A 78 11.16 -10.53 -4.02
N TYR A 79 10.36 -10.76 -2.97
CA TYR A 79 10.95 -11.25 -1.72
C TYR A 79 11.40 -12.70 -1.84
N GLN A 80 10.60 -13.56 -2.47
CA GLN A 80 10.88 -14.99 -2.46
C GLN A 80 12.04 -15.39 -3.38
N ILE A 81 12.17 -14.75 -4.53
CA ILE A 81 13.07 -15.21 -5.59
C ILE A 81 14.24 -14.25 -5.68
N ASP A 82 15.43 -14.73 -5.33
CA ASP A 82 16.63 -13.89 -5.33
C ASP A 82 16.89 -13.35 -6.72
N PHE A 83 17.43 -12.13 -6.75
CA PHE A 83 17.83 -11.43 -7.98
C PHE A 83 16.67 -11.10 -8.90
N THR A 84 15.45 -11.00 -8.38
CA THR A 84 14.35 -10.51 -9.21
C THR A 84 13.85 -9.13 -8.81
N PHE A 85 14.15 -8.67 -7.59
CA PHE A 85 13.67 -7.36 -7.16
C PHE A 85 14.10 -6.28 -8.12
N ASP A 86 13.16 -5.40 -8.47
CA ASP A 86 13.43 -4.25 -9.32
C ASP A 86 12.69 -3.07 -8.70
N ARG A 87 13.44 -2.12 -8.15
CA ARG A 87 12.82 -0.99 -7.45
CA ARG A 87 12.80 -1.02 -7.45
C ARG A 87 11.97 -0.16 -8.39
N ARG A 88 12.32 -0.11 -9.68
CA ARG A 88 11.56 0.67 -10.64
C ARG A 88 10.19 0.04 -10.90
N VAL A 89 10.13 -1.29 -10.99
CA VAL A 89 8.85 -1.96 -11.19
C VAL A 89 7.92 -1.68 -10.02
N MET A 90 8.43 -1.80 -8.80
CA MET A 90 7.58 -1.56 -7.64
CA MET A 90 7.62 -1.55 -7.61
C MET A 90 7.19 -0.09 -7.53
N SER A 91 8.15 0.83 -7.73
CA SER A 91 7.81 2.25 -7.68
CA SER A 91 7.83 2.25 -7.70
C SER A 91 6.74 2.59 -8.71
N ASN A 92 6.87 2.08 -9.93
CA ASN A 92 5.89 2.37 -10.98
C ASN A 92 4.52 1.82 -10.63
N LEU A 93 4.45 0.59 -10.11
CA LEU A 93 3.17 0.04 -9.69
C LEU A 93 2.54 0.90 -8.61
N LEU A 94 3.35 1.31 -7.62
CA LEU A 94 2.83 2.13 -6.54
C LEU A 94 2.32 3.48 -7.06
N ASN A 95 3.03 4.08 -8.01
CA ASN A 95 2.57 5.36 -8.53
C ASN A 95 1.34 5.21 -9.43
N ASP A 96 1.18 4.06 -10.10
CA ASP A 96 -0.07 3.78 -10.80
C ASP A 96 -1.23 3.73 -9.80
N CYS A 97 -1.01 3.05 -8.68
CA CYS A 97 -2.03 3.01 -7.62
C CYS A 97 -2.35 4.42 -7.12
N ARG A 98 -1.32 5.23 -6.88
CA ARG A 98 -1.53 6.61 -6.42
C ARG A 98 -2.44 7.37 -7.36
N GLU A 99 -2.13 7.33 -8.66
CA GLU A 99 -2.91 8.08 -9.62
C GLU A 99 -4.35 7.60 -9.67
N LEU A 100 -4.56 6.27 -9.70
CA LEU A 100 -5.92 5.75 -9.75
C LEU A 100 -6.71 6.13 -8.51
N LEU A 101 -6.05 6.15 -7.35
CA LEU A 101 -6.75 6.55 -6.13
C LEU A 101 -7.15 8.02 -6.18
N HIS A 102 -6.23 8.90 -6.61
CA HIS A 102 -6.57 10.31 -6.81
C HIS A 102 -7.80 10.45 -7.70
N GLN A 103 -7.82 9.71 -8.82
CA GLN A 103 -8.94 9.84 -9.75
C GLN A 103 -10.23 9.33 -9.14
N ALA A 104 -10.16 8.21 -8.40
CA ALA A 104 -11.38 7.57 -7.91
C ALA A 104 -12.13 8.44 -6.92
N ILE A 105 -11.40 9.16 -6.06
CA ILE A 105 -12.04 9.96 -5.02
C ILE A 105 -12.15 11.44 -5.39
N ASN A 106 -11.77 11.81 -6.63
CA ASN A 106 -11.68 13.21 -7.01
C ASN A 106 -13.02 13.94 -6.88
N ARG A 107 -14.13 13.25 -7.15
CA ARG A 107 -15.44 13.89 -7.04
C ARG A 107 -15.96 13.88 -5.60
N HIS A 108 -15.64 12.83 -4.84
CA HIS A 108 -16.20 12.68 -3.50
C HIS A 108 -15.45 13.46 -2.44
N LEU A 109 -14.13 13.58 -2.58
CA LEU A 109 -13.28 14.09 -1.50
C LEU A 109 -12.57 15.34 -1.98
N THR A 110 -11.67 15.85 -1.13
CA THR A 110 -11.10 17.17 -1.37
C THR A 110 -9.58 17.12 -1.32
N ALA A 111 -8.97 18.30 -1.35
CA ALA A 111 -7.51 18.39 -1.37
C ALA A 111 -6.88 17.70 -0.17
N LYS A 112 -7.55 17.67 0.97
CA LYS A 112 -6.95 17.02 2.14
C LYS A 112 -6.71 15.54 1.88
N SER A 113 -7.69 14.87 1.24
CA SER A 113 -7.48 13.47 0.87
C SER A 113 -6.40 13.30 -0.17
N HIS A 114 -6.34 14.20 -1.16
CA HIS A 114 -5.24 14.12 -2.13
C HIS A 114 -3.89 14.25 -1.43
N ALA A 115 -3.82 15.12 -0.42
CA ALA A 115 -2.57 15.30 0.32
C ALA A 115 -2.22 14.04 1.13
N ARG A 116 -3.22 13.39 1.74
CA ARG A 116 -2.96 12.13 2.42
C ARG A 116 -2.42 11.09 1.44
N ILE A 117 -3.05 10.98 0.27
CA ILE A 117 -2.59 10.04 -0.75
C ILE A 117 -1.14 10.32 -1.12
N ASN A 118 -0.82 11.59 -1.39
CA ASN A 118 0.54 11.90 -1.81
C ASN A 118 1.54 11.68 -0.68
N HIS A 119 1.16 11.99 0.55
CA HIS A 119 2.04 11.75 1.69
C HIS A 119 2.40 10.27 1.79
N VAL A 120 1.42 9.39 1.62
CA VAL A 120 1.68 7.95 1.69
C VAL A 120 2.58 7.49 0.55
N PHE A 121 2.21 7.84 -0.69
CA PHE A 121 2.93 7.28 -1.83
C PHE A 121 4.30 7.94 -2.05
N ASN A 122 4.47 9.20 -1.65
CA ASN A 122 5.80 9.80 -1.72
C ASN A 122 6.79 8.99 -0.90
N HIS A 123 6.33 8.43 0.22
CA HIS A 123 7.20 7.58 1.02
C HIS A 123 7.36 6.20 0.39
N PHE A 124 6.25 5.48 0.18
CA PHE A 124 6.38 4.07 -0.17
C PHE A 124 6.92 3.85 -1.58
N ALA A 125 6.62 4.77 -2.50
CA ALA A 125 7.12 4.63 -3.87
C ALA A 125 8.55 5.12 -4.06
N ASP A 126 9.20 5.64 -3.01
CA ASP A 126 10.56 6.12 -3.15
C ASP A 126 11.52 4.95 -3.44
N CYS A 127 12.32 5.11 -4.49
CA CYS A 127 13.14 4.00 -4.97
CA CYS A 127 13.16 4.01 -4.99
C CYS A 127 14.22 3.61 -3.96
N ASP A 128 14.76 4.56 -3.21
CA ASP A 128 15.77 4.21 -2.22
C ASP A 128 15.14 3.53 -1.02
N PHE A 129 13.94 3.96 -0.61
CA PHE A 129 13.25 3.24 0.45
C PHE A 129 13.01 1.78 0.04
N LEU A 130 12.49 1.57 -1.18
CA LEU A 130 12.20 0.22 -1.62
C LEU A 130 13.47 -0.62 -1.70
N ALA A 131 14.56 -0.04 -2.22
CA ALA A 131 15.80 -0.79 -2.30
C ALA A 131 16.35 -1.13 -0.92
N THR A 132 16.12 -0.26 0.07
CA THR A 132 16.54 -0.57 1.44
C THR A 132 15.68 -1.67 2.03
N LEU A 133 14.35 -1.58 1.84
CA LEU A 133 13.43 -2.59 2.34
C LEU A 133 13.78 -3.97 1.80
N TYR A 134 14.15 -4.06 0.51
CA TYR A 134 14.51 -5.31 -0.14
C TYR A 134 16.01 -5.56 -0.15
N GLY A 135 16.77 -4.85 0.68
CA GLY A 135 18.21 -4.92 0.68
C GLY A 135 18.76 -5.93 1.66
N PRO A 136 20.08 -5.89 1.86
CA PRO A 136 20.75 -6.93 2.66
C PRO A 136 20.59 -6.81 4.16
N SER A 137 20.06 -5.70 4.67
CA SER A 137 19.99 -5.50 6.11
C SER A 137 19.05 -6.49 6.78
N GLU A 138 19.51 -7.05 7.91
CA GLU A 138 18.73 -8.06 8.63
C GLU A 138 17.44 -7.50 9.19
N VAL A 139 17.46 -6.26 9.71
CA VAL A 139 16.24 -5.69 10.27
C VAL A 139 15.18 -5.53 9.20
N TYR A 140 15.57 -4.97 8.05
CA TYR A 140 14.60 -4.81 6.97
C TYR A 140 14.13 -6.16 6.46
N ARG A 141 15.02 -7.13 6.31
CA ARG A 141 14.62 -8.44 5.80
C ARG A 141 13.63 -9.13 6.73
N GLY A 142 13.84 -9.02 8.05
CA GLY A 142 12.89 -9.65 8.96
C GLY A 142 11.51 -9.02 8.88
N HIS A 143 11.45 -7.69 8.85
CA HIS A 143 10.14 -7.05 8.70
C HIS A 143 9.52 -7.39 7.35
N LEU A 144 10.33 -7.43 6.29
CA LEU A 144 9.81 -7.73 4.96
C LEU A 144 9.23 -9.13 4.92
N GLN A 145 9.87 -10.08 5.61
CA GLN A 145 9.33 -11.42 5.69
C GLN A 145 7.93 -11.40 6.30
N LYS A 146 7.76 -10.65 7.39
CA LYS A 146 6.43 -10.56 8.02
C LYS A 146 5.42 -9.89 7.09
N ILE A 147 5.83 -8.83 6.40
CA ILE A 147 4.94 -8.16 5.46
C ILE A 147 4.48 -9.14 4.40
N CYS A 148 5.42 -9.88 3.82
CA CYS A 148 5.08 -10.78 2.73
C CYS A 148 4.25 -11.95 3.20
N GLU A 149 4.47 -12.44 4.42
CA GLU A 149 3.60 -13.49 4.95
C GLU A 149 2.16 -13.00 5.06
N GLY A 150 1.97 -11.79 5.58
CA GLY A 150 0.63 -11.24 5.68
C GLY A 150 -0.01 -10.97 4.32
N VAL A 151 0.75 -10.38 3.40
CA VAL A 151 0.25 -10.10 2.06
C VAL A 151 -0.13 -11.38 1.34
N ASN A 152 0.67 -12.44 1.52
CA ASN A 152 0.36 -13.72 0.89
C ASN A 152 -0.96 -14.28 1.42
N LYS A 153 -1.20 -14.15 2.73
CA LYS A 153 -2.50 -14.56 3.26
C LYS A 153 -3.64 -13.72 2.66
N MET A 154 -3.44 -12.41 2.56
CA MET A 154 -4.49 -11.55 2.01
C MET A 154 -4.79 -11.91 0.56
N LEU A 155 -3.74 -12.20 -0.22
CA LEU A 155 -3.91 -12.66 -1.60
C LEU A 155 -4.66 -13.98 -1.64
N ASP A 156 -4.27 -14.93 -0.79
CA ASP A 156 -4.88 -16.25 -0.84
C ASP A 156 -6.35 -16.19 -0.48
N GLU A 157 -6.72 -15.30 0.44
CA GLU A 157 -8.11 -15.17 0.87
C GLU A 157 -8.94 -14.36 -0.10
N GLY A 158 -8.30 -13.60 -0.99
CA GLY A 158 -9.00 -12.77 -1.95
C GLY A 158 -9.18 -11.32 -1.57
N ASN A 159 -8.47 -10.84 -0.54
CA ASN A 159 -8.63 -9.47 -0.08
C ASN A 159 -7.67 -8.50 -0.75
N LEU A 160 -6.73 -8.99 -1.54
CA LEU A 160 -5.85 -8.15 -2.36
C LEU A 160 -5.84 -8.69 -3.79
C01 6OU B . 3.06 -4.60 -1.19
C02 6OU B . 1.55 -4.69 -1.24
C03 6OU B . 0.94 -4.12 0.04
C04 6OU B . -0.58 -4.10 -0.06
C05 6OU B . -1.18 -3.16 0.98
C06 6OU B . -0.81 -3.60 2.38
C07 6OU B . -2.06 -3.78 3.23
C08 6OU B . -2.74 -2.45 3.51
C09 6OU B . -4.00 -2.66 4.33
C10 6OU B . -5.11 -3.27 3.50
C11 6OU B . -6.40 -3.40 4.30
C12 6OU B . -7.60 -3.45 3.37
C13 6OU B . -7.47 -4.57 2.36
C14 6OU B . -8.46 -4.37 1.22
C15 6OU B . -9.89 -4.27 1.75
C16 6OU B . -10.64 -5.51 1.33
O17 6OU B . -10.27 -6.62 1.67
O18 6OU B . -11.82 -5.38 0.48
C19 6OU B . -12.57 -4.17 0.47
C20 6OU B . -13.00 -3.83 -0.95
C21 6OU B . -13.38 -5.11 -1.68
O22 6OU B . -14.25 -5.89 -0.85
P23 6OU B . -14.68 -7.36 -1.28
O24 6OU B . -13.47 -8.15 -1.72
O25 6OU B . -15.68 -7.27 -2.41
O26 6OU B . -15.37 -8.10 -0.02
C27 6OU B . -15.14 -7.63 1.31
C28 6OU B . -13.68 -7.83 1.69
N29 6OU B . -13.60 -8.65 2.91
O30 6OU B . -11.91 -3.21 -1.63
C31 6OU B . -12.07 -1.80 -1.77
O32 6OU B . -12.46 -1.22 -0.52
C33 6OU B . -10.75 -1.20 -2.22
C34 6OU B . -9.75 -1.21 -1.06
C35 6OU B . -8.33 -1.44 -1.56
C36 6OU B . -7.32 -1.33 -0.41
C37 6OU B . -5.89 -1.51 -0.89
C38 6OU B . -5.02 -0.39 -0.33
C39 6OU B . -3.52 -0.65 -0.53
C40 6OU B . -3.08 -0.08 -1.85
C41 6OU B . -2.02 0.73 -1.91
C42 6OU B . -1.23 1.09 -0.68
C43 6OU B . 0.21 0.64 -0.86
C44 6OU B . 1.16 1.48 -0.02
C45 6OU B . 1.77 0.65 1.10
C46 6OU B . 2.48 -0.59 0.55
C47 6OU B . 3.79 -0.22 -0.14
C48 6OU B . 4.97 -0.95 0.51
C49 6OU B . 5.95 -1.43 -0.53
#